data_6J0I
#
_entry.id   6J0I
#
_cell.length_a   47.826
_cell.length_b   48.096
_cell.length_c   96.725
_cell.angle_alpha   90.000
_cell.angle_beta   90.000
_cell.angle_gamma   90.000
#
_symmetry.space_group_name_H-M   'P 2 2 21'
#
loop_
_entity.id
_entity.type
_entity.pdbx_description
1 polymer "DNA (5'-D(*TP*TP*GP*GP*CP*GP*AP*A)-3')"
2 branched '2,6-dideoxy-4-O-methyl-alpha-D-galactopyranose-(1-3)-(2R,3R,6R)-6-hydroxy-2-methyltetrahydro-2H-pyran-3-yl acetate'
3 branched 3-C-methyl-4-O-acetyl-alpha-L-Olivopyranose-(1-3)-(2R,5S,6R)-6-methyltetrahydro-2H-pyran-2,5-diol-(1-3)-(2R,5S,6R)-6-methyltetrahydro-2H-pyran-2,5-diol
4 non-polymer 1,2-HYDRO-1-OXY-3,4-HYDRO-3-(1-METHOXY-2-OXY-3,4-DIHYDROXYPENTYL)-8,9-DIHYROXY-7-METHYLANTHRACENE
5 non-polymer 'COBALT (II) ION'
6 water water
#
_entity_poly.entity_id   1
_entity_poly.type   'polydeoxyribonucleotide'
_entity_poly.pdbx_seq_one_letter_code
;(DT)(DT)(DG)(DG)(DC)(DG)(DA)(DA)
;
_entity_poly.pdbx_strand_id   A,B,C,D,E,F
#
loop_
_chem_comp.id
_chem_comp.type
_chem_comp.name
_chem_comp.formula
1GL D-saccharide, alpha linking 2,6-dideoxy-4-O-methyl-alpha-D-galactopyranose 'C7 H14 O4'
ARI D-saccharide, beta linking '(2R,3R,6R)-6-hydroxy-2-methyltetrahydro-2H-pyran-3-yl acetate' 'C8 H14 O4'
CDR D-saccharide, beta linking (2R,5S,6R)-6-methyltetrahydro-2H-pyran-2,5-diol 'C6 H12 O3'
CO non-polymer 'COBALT (II) ION' 'Co 2'
CRH non-polymer 1,2-HYDRO-1-OXY-3,4-HYDRO-3-(1-METHOXY-2-OXY-3,4-DIHYDROXYPENTYL)-8,9-DIHYROXY-7-METHYLANTHRACENE 'C21 H24 O7'
DA DNA linking 2'-DEOXYADENOSINE-5'-MONOPHOSPHATE 'C10 H14 N5 O6 P'
DC DNA linking 2'-DEOXYCYTIDINE-5'-MONOPHOSPHATE 'C9 H14 N3 O7 P'
DG DNA linking 2'-DEOXYGUANOSINE-5'-MONOPHOSPHATE 'C10 H14 N5 O7 P'
DT DNA linking THYMIDINE-5'-MONOPHOSPHATE 'C10 H15 N2 O8 P'
ERI L-saccharide, alpha linking 3-C-methyl-4-O-acetyl-alpha-L-Olivopyranose 'C9 H16 O5'
#
# COMPACT_ATOMS: atom_id res chain seq x y z
O1 ARI G . 4.06 -21.28 -5.48
C1 ARI G . 3.32 -20.76 -6.57
C2 ARI G . 4.08 -20.93 -7.82
C3 ARI G . 3.38 -20.39 -8.96
C4 ARI G . 2.05 -21.00 -9.12
O4 ARI G . 2.23 -22.40 -9.40
CME ARI G . 2.69 -24.09 -11.24
CO4 ARI G . 2.16 -22.75 -10.76
OC4 ARI G . 1.66 -22.00 -11.54
C5 ARI G . 1.19 -20.81 -7.86
O5 ARI G . 1.96 -21.32 -6.66
C6 ARI G . -0.06 -21.53 -7.97
O1 1GL G . 3.94 -20.03 -10.31
C1 1GL G . 4.01 -18.85 -11.25
C2 1GL G . 5.41 -18.34 -11.86
C3 1GL G . 6.04 -17.34 -10.86
O3 1GL G . 7.21 -16.85 -11.51
C4 1GL G . 5.20 -16.12 -10.49
O4 1GL G . 4.81 -15.42 -11.72
CME 1GL G . 5.36 -14.11 -12.06
C5 1GL G . 4.02 -16.77 -9.73
O5 1GL G . 3.36 -17.71 -10.62
C6 1GL G . 3.13 -15.62 -9.25
O1 CDR H . 2.21 -20.71 4.42
C1 CDR H . 2.81 -21.07 5.67
C2 CDR H . 3.50 -19.96 6.39
C3 CDR H . 3.97 -20.22 7.73
C4 CDR H . 3.03 -21.06 8.54
O4 CDR H . 3.68 -21.59 9.72
C5 CDR H . 2.45 -22.26 7.77
O5 CDR H . 1.82 -21.74 6.52
C6 CDR H . 1.45 -22.93 8.57
O1 CDR H . 4.85 -19.48 8.50
C1 CDR H . 5.81 -19.47 9.56
C2 CDR H . 6.57 -18.21 9.70
C3 CDR H . 7.39 -18.08 10.89
C4 CDR H . 6.70 -18.52 12.13
O4 CDR H . 7.62 -18.56 13.23
C5 CDR H . 6.07 -19.92 11.98
O5 CDR H . 5.12 -19.86 10.80
C6 CDR H . 5.34 -20.25 13.18
O1 ERI H . 8.20 -17.00 11.41
C1 ERI H . 9.69 -16.86 11.49
C2 ERI H . 10.23 -15.41 11.18
C3 ERI H . 10.60 -14.43 12.35
O3 ERI H . 11.46 -13.38 11.89
CC3 ERI H . 9.35 -13.73 12.95
C4 ERI H . 11.47 -15.13 13.43
O4 ERI H . 11.90 -14.17 14.49
CME ERI H . 14.37 -14.64 15.12
CO4 ERI H . 13.22 -13.67 14.61
OC4 ERI H . 13.54 -12.50 14.39
C5 ERI H . 10.57 -16.33 13.88
O5 ERI H . 10.39 -17.32 12.75
C6 ERI H . 11.29 -17.08 14.99
O1 CDR I . 3.56 -26.33 2.88
C1 CDR I . 3.01 -25.75 1.72
C2 CDR I . 3.47 -26.39 0.48
C3 CDR I . 2.84 -25.88 -0.70
C4 CDR I . 1.36 -25.76 -0.58
O4 CDR I . 0.83 -25.03 -1.70
C5 CDR I . 0.89 -25.05 0.70
O5 CDR I . 1.54 -25.76 1.86
C6 CDR I . -0.54 -25.16 0.81
O1 CDR I . 3.58 -25.99 -1.85
C1 CDR I . 3.56 -25.41 -3.14
C2 CDR I . 4.53 -26.06 -4.04
C3 CDR I . 4.47 -25.62 -5.42
C4 CDR I . 3.08 -25.57 -5.95
O4 CDR I . 3.10 -24.85 -7.20
C5 CDR I . 2.07 -24.86 -5.02
O5 CDR I . 2.19 -25.50 -3.66
C6 CDR I . 0.72 -25.03 -5.53
O1 ERI I . 5.31 -25.88 -6.41
C1 ERI I . 6.47 -25.06 -6.80
C2 ERI I . 7.68 -25.92 -7.26
C3 ERI I . 7.77 -26.31 -8.76
O3 ERI I . 9.09 -26.69 -9.15
CC3 ERI I . 6.87 -27.54 -9.08
C4 ERI I . 7.52 -25.09 -9.73
O4 ERI I . 7.51 -25.61 -11.13
CME ERI I . 8.35 -25.22 -13.53
CO4 ERI I . 8.60 -25.64 -12.00
OC4 ERI I . 9.72 -26.02 -11.69
C5 ERI I . 6.16 -24.46 -9.29
O5 ERI I . 6.21 -24.08 -7.87
C6 ERI I . 5.92 -23.24 -10.20
O1 ARI J . 9.10 -21.76 9.98
C1 ARI J . 9.38 -22.68 11.01
C2 ARI J . 10.57 -22.24 11.77
C3 ARI J . 10.91 -23.13 12.85
C4 ARI J . 9.77 -23.36 13.76
O4 ARI J . 9.44 -22.12 14.39
CME ARI J . 10.53 -20.34 15.84
CO4 ARI J . 10.30 -21.80 15.45
OC4 ARI J . 10.87 -22.67 16.03
C5 ARI J . 8.52 -23.88 13.02
O5 ARI J . 8.22 -22.91 11.91
C6 ARI J . 7.40 -23.95 13.91
O1 1GL J . 12.25 -23.64 13.12
C1 1GL J . 13.26 -23.35 14.24
C2 1GL J . 13.39 -21.87 14.81
C3 1GL J . 14.35 -21.04 14.00
O3 1GL J . 14.40 -19.76 14.65
C4 1GL J . 15.78 -21.58 13.88
O4 1GL J . 16.45 -21.61 15.16
CME 1GL J . 17.38 -20.56 15.50
C5 1GL J . 15.59 -22.97 13.19
O5 1GL J . 14.66 -23.77 13.96
C6 1GL J . 17.03 -23.58 13.04
O1 ARI K . 6.26 5.29 -2.56
C1 ARI K . 7.03 6.45 -2.82
C2 ARI K . 7.93 6.73 -1.67
C3 ARI K . 8.72 7.91 -1.89
C4 ARI K . 9.49 7.87 -3.17
O4 ARI K . 10.50 6.84 -3.06
CME ARI K . 12.54 6.22 -1.68
CO4 ARI K . 11.62 7.25 -2.33
OC4 ARI K . 11.85 8.41 -2.20
C5 ARI K . 8.58 7.60 -4.38
O5 ARI K . 7.79 6.36 -4.09
C6 ARI K . 9.36 7.39 -5.57
O1 1GL K . 9.53 8.53 -0.81
C1 1GL K . 9.82 9.86 -0.18
C2 1GL K . 11.15 9.72 0.67
C3 1GL K . 10.80 9.02 2.01
O3 1GL K . 12.02 8.93 2.74
C4 1GL K . 9.80 9.76 2.93
O4 1GL K . 10.34 11.03 3.36
CME 1GL K . 10.32 11.39 4.78
C5 1GL K . 8.48 9.82 2.08
O5 1GL K . 8.76 10.43 0.75
C6 1GL K . 7.39 10.56 2.95
O1 CDR L . -0.95 1.91 -8.38
C1 CDR L . -1.61 0.65 -8.32
C2 CDR L . -3.06 0.79 -8.08
C3 CDR L . -3.82 -0.42 -8.18
C4 CDR L . -3.46 -1.24 -9.36
O4 CDR L . -4.03 -2.56 -9.25
C5 CDR L . -1.94 -1.42 -9.59
O5 CDR L . -1.31 -0.06 -9.55
C6 CDR L . -1.70 -2.04 -10.86
O1 CDR L . -5.04 -0.50 -7.56
C1 CDR L . -5.88 -1.52 -7.03
C2 CDR L . -7.09 -0.99 -6.40
C3 CDR L . -8.01 -2.00 -5.96
C4 CDR L . -8.32 -3.01 -7.00
O4 CDR L . -9.04 -4.10 -6.39
C5 CDR L . -7.06 -3.60 -7.68
O5 CDR L . -6.20 -2.45 -8.12
C6 CDR L . -7.46 -4.38 -8.83
O1 ERI L . -9.15 -1.81 -5.20
C1 ERI L . -9.23 -1.63 -3.76
C2 ERI L . -10.43 -0.73 -3.37
C3 ERI L . -11.82 -1.44 -3.37
O3 ERI L . -12.80 -0.66 -2.70
CC3 ERI L . -12.38 -1.65 -4.82
C4 ERI L . -11.80 -2.75 -2.48
O4 ERI L . -13.15 -3.36 -2.56
CME ERI L . -14.61 -5.40 -2.10
CO4 ERI L . -13.69 -4.21 -1.61
OC4 ERI L . -13.52 -4.09 -0.43
C5 ERI L . -10.62 -3.61 -3.06
O5 ERI L . -9.38 -2.88 -3.04
C6 ERI L . -10.50 -4.85 -2.21
O1 CDR M . 2.93 -2.45 -7.29
C1 CDR M . 3.69 -1.25 -7.22
C2 CDR M . 4.79 -1.30 -6.22
C3 CDR M . 5.70 -0.18 -6.23
C4 CDR M . 6.11 0.25 -7.59
O4 CDR M . 6.78 1.52 -7.55
C5 CDR M . 4.94 0.38 -8.58
O5 CDR M . 4.19 -0.93 -8.56
C6 CDR M . 5.46 0.64 -9.90
O1 CDR M . 6.63 0.09 -5.24
C1 CDR M . 7.36 1.12 -4.60
C2 CDR M . 8.50 0.56 -3.85
C3 CDR M . 9.40 1.55 -3.35
C4 CDR M . 9.90 2.44 -4.44
O4 CDR M . 10.78 3.43 -3.88
C5 CDR M . 8.75 3.15 -5.16
O5 CDR M . 7.76 2.10 -5.62
C6 CDR M . 9.27 3.85 -6.31
O1 ERI M . 10.67 1.58 -2.49
C1 ERI M . 10.50 1.38 -1.06
C2 ERI M . 11.81 1.08 -0.25
C3 ERI M . 12.41 2.19 0.67
O3 ERI M . 13.12 1.62 1.77
CC3 ERI M . 13.43 3.08 -0.11
C4 ERI M . 11.31 3.06 1.39
O4 ERI M . 11.93 4.06 2.30
CME ERI M . 10.89 4.10 4.64
CO4 ERI M . 12.13 3.87 3.67
OC4 ERI M . 13.19 3.54 4.17
C5 ERI M . 10.44 3.61 0.21
O5 ERI M . 9.79 2.49 -0.44
C6 ERI M . 9.35 4.53 0.75
O1 ARI N . -6.03 -5.65 -4.10
C1 ARI N . -6.68 -6.91 -4.05
C2 ARI N . -7.82 -6.83 -3.12
C3 ARI N . -8.67 -7.98 -3.09
C4 ARI N . -9.09 -8.44 -4.44
O4 ARI N . -9.90 -7.42 -5.05
CME ARI N . -12.36 -7.40 -4.34
CO4 ARI N . -11.24 -7.79 -5.31
OC4 ARI N . -11.51 -8.39 -6.29
C5 ARI N . -7.85 -8.70 -5.32
O5 ARI N . -7.08 -7.41 -5.38
C6 ARI N . -8.24 -9.12 -6.65
O1 1GL N . -8.96 -8.92 -1.99
C1 1GL N . -9.16 -10.38 -1.88
C2 1GL N . -9.39 -11.12 -0.49
C3 1GL N . -8.04 -11.56 0.13
O3 1GL N . -8.37 -12.32 1.30
C4 1GL N . -7.14 -12.41 -0.79
O4 1GL N . -7.93 -13.58 -1.19
CME 1GL N . -7.32 -14.82 -1.60
C5 1GL N . -6.80 -11.40 -1.95
O5 1GL N . -8.11 -10.99 -2.64
C6 1GL N . -5.80 -12.11 -2.93
O1 ARI O . -12.84 21.37 6.45
C1 ARI O . -13.84 22.19 7.03
C2 ARI O . -14.89 21.34 7.62
C3 ARI O . -15.91 22.04 8.35
C4 ARI O . -15.31 22.92 9.38
O4 ARI O . -14.57 22.09 10.30
CME ARI O . -14.88 19.96 11.63
CO4 ARI O . -15.36 21.33 11.17
OC4 ARI O . -16.39 21.77 11.56
C5 ARI O . -14.34 23.94 8.76
O5 ARI O . -13.30 23.16 7.99
C6 ARI O . -13.70 24.70 9.79
O1 1GL O . -17.14 21.33 8.93
C1 1GL O . -18.52 21.79 9.09
C2 1GL O . -19.64 20.67 9.02
C3 1GL O . -20.04 20.45 7.54
O3 1GL O . -21.14 19.50 7.54
C4 1GL O . -20.47 21.74 6.75
O4 1GL O . -21.62 22.35 7.39
CME 1GL O . -22.92 22.25 6.79
C5 1GL O . -19.21 22.63 6.77
O5 1GL O . -18.89 22.88 8.16
C6 1GL O . -19.58 23.91 5.95
O1 CDR P . -5.04 26.31 3.25
C1 CDR P . -3.86 26.08 2.52
C2 CDR P . -3.66 27.15 1.53
C3 CDR P . -2.39 27.07 0.85
C4 CDR P . -1.25 26.90 1.77
O4 CDR P . -0.06 26.68 1.00
C5 CDR P . -1.44 25.72 2.73
O5 CDR P . -2.74 25.95 3.45
C6 CDR P . -0.34 25.67 3.68
O1 CDR P . -2.52 26.70 -0.47
C1 CDR P . -2.02 26.02 -1.58
C2 CDR P . -2.42 26.70 -2.83
C3 CDR P . -1.82 26.15 -4.02
C4 CDR P . -0.36 25.93 -3.90
O4 CDR P . 0.10 25.20 -5.05
C5 CDR P . 0.02 25.13 -2.63
O5 CDR P . -0.56 25.89 -1.46
C6 CDR P . 1.45 25.03 -2.50
O1 ERI P . -1.97 26.71 -5.16
C1 ERI P . -3.20 26.52 -5.96
C2 ERI P . -3.29 27.52 -7.15
C3 ERI P . -2.58 27.12 -8.48
O3 ERI P . -2.95 27.99 -9.54
CC3 ERI P . -1.07 27.20 -8.32
C4 ERI P . -3.00 25.69 -9.02
O4 ERI P . -2.30 25.36 -10.29
CME ERI P . -2.79 24.07 -12.43
CO4 ERI P . -2.92 25.36 -11.55
OC4 ERI P . -3.54 26.31 -12.02
C5 ERI P . -2.66 24.75 -7.81
O5 ERI P . -3.34 25.17 -6.56
C6 ERI P . -3.04 23.33 -8.25
O1 CDR Q . -3.23 21.00 4.56
C1 CDR Q . -4.16 21.42 5.56
C2 CDR Q . -5.04 20.32 5.98
C3 CDR Q . -5.90 20.63 7.10
C4 CDR Q . -5.22 21.33 8.22
O4 CDR Q . -6.19 21.85 9.14
C5 CDR Q . -4.32 22.49 7.77
O5 CDR Q . -3.41 21.98 6.69
C6 CDR Q . -3.53 22.95 8.88
O1 CDR Q . -7.04 19.92 7.41
C1 CDR Q . -8.38 19.99 7.85
C2 CDR Q . -8.99 18.67 7.91
C3 CDR Q . -10.32 18.64 8.47
C4 CDR Q . -10.48 19.44 9.70
O4 CDR Q . -11.89 19.61 9.96
C5 CDR Q . -9.84 20.84 9.65
O5 CDR Q . -8.42 20.66 9.16
C6 CDR Q . -9.84 21.45 10.95
O1 ERI Q . -11.11 17.53 8.72
C1 ERI Q . -11.66 16.75 7.61
C2 ERI Q . -12.11 15.35 8.07
C3 ERI Q . -13.48 15.31 8.80
O3 ERI Q . -13.94 13.93 8.95
CC3 ERI Q . -13.38 15.92 10.24
C4 ERI Q . -14.62 15.96 7.92
O4 ERI Q . -15.92 15.88 8.61
CME ERI Q . -18.42 15.86 8.19
CO4 ERI Q . -17.00 15.18 8.12
OC4 ERI Q . -16.93 14.05 7.64
C5 ERI Q . -14.10 17.42 7.65
O5 ERI Q . -12.82 17.38 6.99
C6 ERI Q . -15.16 18.11 6.78
O1 ARI R . -1.06 21.42 -5.08
C1 ARI R . 0.10 21.24 -5.87
C2 ARI R . -0.24 21.30 -7.29
C3 ARI R . 0.90 21.13 -8.15
C4 ARI R . 1.97 22.11 -7.87
O4 ARI R . 1.49 23.43 -8.21
CME ARI R . 2.18 25.36 -9.73
CO4 ARI R . 1.84 23.88 -9.49
OC4 ARI R . 1.87 23.12 -10.42
C5 ARI R . 2.40 22.07 -6.39
O5 ARI R . 1.17 22.20 -5.53
C6 ARI R . 3.31 23.16 -6.10
O1 1GL R . 0.90 21.00 -9.64
C1 1GL R . 1.40 19.86 -10.39
C2 1GL R . 1.14 19.81 -11.95
C3 1GL R . -0.13 18.97 -12.26
O3 1GL R . -0.18 18.90 -13.70
C4 1GL R . -0.17 17.55 -11.66
O4 1GL R . 1.02 16.77 -12.10
CME 1GL R . 0.88 15.60 -12.95
C5 1GL R . -0.19 17.84 -10.14
O5 1GL R . 1.12 18.61 -9.78
C6 1GL R . -0.30 16.47 -9.39
C1 CRH S . 2.92 -21.33 2.35
C2 CRH S . 1.68 -21.26 3.15
C3 CRH S . 0.55 -20.64 2.47
C4 CRH S . 0.33 -20.82 0.95
C5 CRH S . 2.65 -21.35 -3.53
C6 CRH S . 3.80 -21.60 -4.31
C7 CRH S . 5.02 -21.86 -3.68
C8 CRH S . 5.11 -21.87 -2.28
C9 CRH S . 4.01 -21.61 -0.02
C10 CRH S . 1.55 -21.09 -1.30
C11 CRH S . 2.73 -21.35 -2.11
C12 CRH S . 3.93 -21.62 -1.47
C13 CRH S . 2.84 -21.36 0.78
C14 CRH S . 1.64 -21.10 0.13
C15 CRH S . 6.26 -22.14 -4.56
O1 CRH S . 4.12 -21.52 2.61
O8 CRH S . 6.33 -22.14 -1.65
O9 CRH S . 5.25 -21.89 0.61
C1' CRH S . -0.83 -20.74 3.11
C2' CRH S . -1.37 -19.30 3.23
C3' CRH S . -2.56 -18.83 2.38
C4' CRH S . -2.04 -18.02 1.19
C1M CRH S . -2.13 -22.68 2.81
C4M CRH S . -2.49 -18.67 -0.12
O1' CRH S . -1.66 -21.47 2.27
O2' CRH S . -0.86 -18.54 4.00
O3' CRH S . -3.38 -18.01 3.15
O4' CRH S . -2.55 -16.72 1.25
CO CO T . 6.26 -21.98 2.39
CO CO U . 14.74 -18.55 -5.30
C1 CRH V . 4.44 -24.53 4.13
C2 CRH V . 3.53 -25.67 4.14
C3 CRH V . 3.76 -26.64 5.19
C4 CRH V . 4.10 -26.17 6.64
C5 CRH V . 7.44 -23.07 8.95
C6 CRH V . 8.31 -21.96 8.92
C7 CRH V . 8.44 -21.21 7.73
C8 CRH V . 7.71 -21.56 6.59
C9 CRH V . 6.09 -23.04 5.43
C10 CRH V . 5.80 -24.58 7.79
C11 CRH V . 6.69 -23.43 7.78
C12 CRH V . 6.83 -22.70 6.63
C13 CRH V . 5.21 -24.17 5.44
C14 CRH V . 5.06 -24.92 6.61
C15 CRH V . 9.37 -19.99 7.66
O1 CRH V . 4.71 -23.82 3.17
O8 CRH V . 7.85 -20.81 5.42
O9 CRH V . 6.24 -22.27 4.27
C1' CRH V . 2.73 -27.78 5.20
C2' CRH V . 3.39 -29.03 4.59
C3' CRH V . 4.45 -29.83 5.35
C4' CRH V . 3.90 -31.24 5.60
C1M CRH V . 0.89 -27.81 6.64
C4M CRH V . 5.01 -32.27 5.39
O1' CRH V . 2.27 -28.04 6.49
O2' CRH V . 3.09 -29.38 3.49
O3' CRH V . 4.77 -29.25 6.57
O4' CRH V . 3.43 -31.33 6.92
C1 CRH W . 0.74 1.89 -6.75
C2 CRH W . 0.46 2.14 -8.23
C3 CRH W . 0.61 3.63 -8.53
C4 CRH W . 2.04 4.16 -8.24
C5 CRH W . 5.41 4.58 -4.46
C6 CRH W . 5.93 4.17 -3.21
C7 CRH W . 5.32 3.11 -2.52
C8 CRH W . 4.21 2.46 -3.07
C9 CRH W . 2.53 2.20 -4.90
C10 CRH W . 3.73 4.34 -6.29
C11 CRH W . 4.26 3.92 -5.02
C12 CRH W . 3.67 2.87 -4.34
C13 CRH W . 1.99 2.63 -6.17
C14 CRH W . 2.60 3.67 -6.86
C15 CRH W . 5.87 2.64 -1.16
O1 CRH W . 0.33 1.01 -6.03
O8 CRH W . 3.62 1.39 -2.38
O9 CRH W . 1.93 1.15 -4.20
C1' CRH W . 0.20 3.92 -9.98
C2' CRH W . -0.87 5.02 -9.98
C3' CRH W . -2.22 4.75 -10.62
C4' CRH W . -3.04 6.05 -10.59
C1M CRH W . 1.19 4.06 -12.09
C4M CRH W . -4.27 5.91 -11.49
O1' CRH W . 1.28 4.37 -10.72
O2' CRH W . -0.65 6.07 -9.47
O3' CRH W . -2.88 3.76 -9.91
O4' CRH W . -3.44 6.29 -9.27
CO CO X . -0.01 -0.06 -4.28
CO CO Y . 3.28 1.48 8.34
C1 CRH Z . 0.77 -2.45 -6.64
C2 CRH Z . 1.61 -2.80 -7.83
C3 CRH Z . 1.45 -4.24 -8.31
C4 CRH Z . 0.02 -4.85 -8.30
C5 CRH Z . -4.31 -5.21 -5.63
C6 CRH Z . -5.18 -4.75 -4.61
C7 CRH Z . -4.81 -3.62 -3.84
C8 CRH Z . -3.59 -2.97 -4.09
C9 CRH Z . -1.45 -2.76 -5.38
C10 CRH Z . -2.17 -5.01 -6.93
C11 CRH Z . -3.06 -4.54 -5.89
C12 CRH Z . -2.71 -3.43 -5.13
C13 CRH Z . -0.57 -3.22 -6.41
C14 CRH Z . -0.91 -4.32 -7.17
C15 CRH Z . -5.74 -3.10 -2.73
O1 CRH Z . 0.81 -1.59 -5.80
O8 CRH Z . -3.23 -1.85 -3.33
O9 CRH Z . -1.10 -1.63 -4.60
C1' CRH Z . 2.06 -4.43 -9.73
C2' CRH Z . 3.33 -5.30 -9.65
C3' CRH Z . 3.24 -6.83 -9.60
C4' CRH Z . 3.11 -7.34 -8.16
C1M CRH Z . 0.91 -4.38 -11.76
C4M CRH Z . 1.76 -8.04 -7.98
O1' CRH Z . 1.13 -5.05 -10.55
O2' CRH Z . 4.40 -4.77 -9.64
O3' CRH Z . 4.40 -7.37 -10.16
O4' CRH Z . 4.14 -8.26 -7.87
CO CO AA . -5.35 -2.05 6.35
C1 CRH BA . -6.54 24.52 3.44
C2 CRH BA . -5.67 25.51 4.18
C3 CRH BA . -6.55 26.53 4.89
C4 CRH BA . -7.43 25.89 5.99
C5 CRH BA . -10.91 22.21 6.57
C6 CRH BA . -11.56 21.03 6.14
C7 CRH BA . -11.12 20.40 4.95
C8 CRH BA . -10.07 20.96 4.20
C9 CRH BA . -8.35 22.73 3.87
C10 CRH BA . -9.19 24.01 6.26
C11 CRH BA . -9.84 22.78 5.81
C12 CRH BA . -9.42 22.17 4.65
C13 CRH BA . -7.70 23.94 4.30
C14 CRH BA . -8.11 24.56 5.49
C15 CRH BA . -11.79 19.10 4.46
O1 CRH BA . -6.39 23.87 2.42
O8 CRH BA . -9.64 20.33 3.03
O9 CRH BA . -7.93 22.09 2.69
C1' CRH BA . -5.68 27.66 5.46
C2' CRH BA . -5.98 28.96 4.68
C3' CRH BA . -7.19 29.84 5.00
C4' CRH BA . -6.71 31.00 5.89
C1M CRH BA . -4.79 27.83 7.61
C4M CRH BA . -7.59 32.23 5.64
O1' CRH BA . -5.95 27.83 6.81
O2' CRH BA . -5.24 29.29 3.80
O3' CRH BA . -8.17 29.12 5.67
O4' CRH BA . -6.80 30.62 7.24
CO CO CA . -6.42 22.16 1.30
C1 CRH DA . -3.20 21.64 2.51
C2 CRH DA . -2.27 21.69 3.71
C3 CRH DA . -1.00 20.86 3.50
C4 CRH DA . -0.23 21.13 2.19
C5 CRH DA . -0.78 21.92 -2.83
C6 CRH DA . -1.58 22.23 -3.95
C7 CRH DA . -2.96 22.47 -3.77
C8 CRH DA . -3.54 22.40 -2.49
C9 CRH DA . -3.31 22.02 -0.03
C10 CRH DA . -0.55 21.53 -0.35
C11 CRH DA . -1.36 21.85 -1.52
C12 CRH DA . -2.71 22.09 -1.35
C13 CRH DA . -2.51 21.70 1.11
C14 CRH DA . -1.16 21.47 0.95
C15 CRH DA . -3.87 22.81 -4.97
O1 CRH DA . -4.39 21.85 2.42
O8 CRH DA . -4.89 22.64 -2.32
O9 CRH DA . -4.69 22.26 0.12
C1' CRH DA . -0.02 21.12 4.66
C2' CRH DA . 0.17 19.82 5.43
C3' CRH DA . -0.10 19.82 6.94
C4' CRH DA . 1.15 19.33 7.66
C1M CRH DA . 1.84 22.49 5.01
C4M CRH DA . 1.28 20.07 8.99
O1' CRH DA . 1.19 21.56 4.18
O2' CRH DA . 0.54 18.82 4.88
O3' CRH DA . -1.19 18.99 7.21
O4' CRH DA . 1.08 17.94 7.86
CO CO EA . -11.09 18.49 -8.99
#